data_5UUF
#
_entry.id   5UUF
#
_cell.length_a   39.173
_cell.length_b   94.607
_cell.length_c   48.167
_cell.angle_alpha   90.000
_cell.angle_beta   111.600
_cell.angle_gamma   90.000
#
_symmetry.space_group_name_H-M   'P 1 21 1'
#
loop_
_entity.id
_entity.type
_entity.pdbx_description
1 polymer 'DNA-7-methylguanine glycosylase'
2 polymer "DNA (5'-D(*CP*CP*CP*CP*AP*(ORP)P*AP*GP*CP*CP*CP*G)-3')"
3 polymer "DNA (5'-D(*CP*GP*GP*GP*CP*TP*TP*TP*GP*GP*GP*G)-3')"
4 non-polymer 'yatakemycin-adenine nucleobase adduct'
5 water water
#
loop_
_entity_poly.entity_id
_entity_poly.type
_entity_poly.pdbx_seq_one_letter_code
_entity_poly.pdbx_strand_id
1 'polypeptide(L)'
;GPVPMHPFVKALQEHFTAHQNPEKAEPMARYMKNHFLFLGIQTPERRQLLKDIIQIHTLPDQKDFQIIIRELWDLPEREF
QAAALDIMQKYKKHINETHIPFLEELIVTKSWWDSVDSIVPTFLGDIFLKHPELISAYIPKWIASDNIWLQRAAILFQLK
YKQKMDEELLFWIIGQLHSSKEFFIQKAIGWVLREYAKTNPDVVWEYVQNNELAPLSKREAIKHIKQNYGINNEKIGETL
S
;
A
2 'polydeoxyribonucleotide' (DC)(DC)(DC)(DC)(DA)(ORP)(DA)(DG)(DC)(DC)(DC)(DG) B
3 'polydeoxyribonucleotide' (DC)(DG)(DG)(DG)(DC)(DT)(DT)(DT)(DG)(DG)(DG)(DG) C
#
loop_
_chem_comp.id
_chem_comp.type
_chem_comp.name
_chem_comp.formula
DA DNA linking 2'-DEOXYADENOSINE-5'-MONOPHOSPHATE 'C10 H14 N5 O6 P'
DC DNA linking 2'-DEOXYCYTIDINE-5'-MONOPHOSPHATE 'C9 H14 N3 O7 P'
DG DNA linking 2'-DEOXYGUANOSINE-5'-MONOPHOSPHATE 'C10 H14 N5 O7 P'
DT DNA linking THYMIDINE-5'-MONOPHOSPHATE 'C10 H15 N2 O8 P'
ORP saccharide 2-DEOXY-5-PHOSPHONO-RIBOSE 'C5 H11 O7 P'
YTA non-polymer 'yatakemycin-adenine nucleobase adduct' 'C40 H34 N10 O8 S'
#
# COMPACT_ATOMS: atom_id res chain seq x y z
N MET A 5 -8.46 1.09 25.57
CA MET A 5 -8.75 0.36 24.34
C MET A 5 -10.25 0.40 24.04
N HIS A 6 -10.59 0.78 22.81
CA HIS A 6 -11.98 0.90 22.43
CA HIS A 6 -11.98 0.89 22.44
C HIS A 6 -12.66 -0.48 22.49
N PRO A 7 -13.93 -0.54 22.94
CA PRO A 7 -14.61 -1.84 23.03
C PRO A 7 -14.65 -2.63 21.74
N PHE A 8 -14.79 -1.94 20.61
CA PHE A 8 -14.73 -2.60 19.31
C PHE A 8 -13.43 -3.36 19.11
N VAL A 9 -12.30 -2.71 19.49
CA VAL A 9 -10.99 -3.32 19.27
C VAL A 9 -10.80 -4.51 20.19
N LYS A 10 -11.21 -4.39 21.46
CA LYS A 10 -11.11 -5.53 22.37
C LYS A 10 -11.93 -6.71 21.86
N ALA A 11 -13.15 -6.46 21.40
CA ALA A 11 -13.98 -7.55 20.87
C ALA A 11 -13.34 -8.19 19.65
N LEU A 12 -12.77 -7.37 18.76
CA LEU A 12 -12.12 -7.94 17.60
C LEU A 12 -10.90 -8.78 17.99
N GLN A 13 -10.10 -8.30 18.97
CA GLN A 13 -8.94 -9.04 19.45
C GLN A 13 -9.35 -10.38 20.06
N GLU A 14 -10.41 -10.38 20.89
CA GLU A 14 -10.89 -11.62 21.50
C GLU A 14 -11.35 -12.61 20.44
N HIS A 15 -12.06 -12.13 19.44
CA HIS A 15 -12.66 -12.98 18.42
C HIS A 15 -11.61 -13.55 17.49
N PHE A 16 -10.65 -12.71 17.06
CA PHE A 16 -9.53 -13.22 16.27
C PHE A 16 -8.74 -14.26 17.06
N THR A 17 -8.40 -13.94 18.31
CA THR A 17 -7.53 -14.82 19.08
C THR A 17 -8.19 -16.18 19.28
N ALA A 18 -9.51 -16.19 19.45
CA ALA A 18 -10.21 -17.47 19.67
C ALA A 18 -10.15 -18.38 18.45
N HIS A 19 -9.78 -17.84 17.28
CA HIS A 19 -9.73 -18.58 16.02
C HIS A 19 -8.31 -18.63 15.45
N GLN A 20 -7.33 -18.40 16.28
CA GLN A 20 -5.93 -18.42 15.86
C GLN A 20 -5.50 -19.83 15.47
N ASN A 21 -4.50 -19.90 14.59
CA ASN A 21 -4.04 -21.18 14.04
C ASN A 21 -2.52 -21.15 14.03
N PRO A 22 -1.88 -21.63 15.10
CA PRO A 22 -0.42 -21.54 15.19
C PRO A 22 0.29 -22.33 14.12
N GLU A 23 -0.31 -23.41 13.61
CA GLU A 23 0.28 -24.15 12.50
C GLU A 23 0.44 -23.27 11.26
N LYS A 24 -0.59 -22.47 10.93
CA LYS A 24 -0.50 -21.58 9.77
C LYS A 24 0.32 -20.33 10.09
N ALA A 25 0.35 -19.92 11.36
CA ALA A 25 1.03 -18.68 11.70
C ALA A 25 2.52 -18.76 11.39
N GLU A 26 3.11 -19.95 11.53
CA GLU A 26 4.55 -20.09 11.30
C GLU A 26 4.92 -19.81 9.84
N PRO A 27 4.31 -20.45 8.84
CA PRO A 27 4.65 -20.07 7.45
C PRO A 27 4.15 -18.69 7.04
N MET A 28 3.03 -18.22 7.58
CA MET A 28 2.60 -16.85 7.29
C MET A 28 3.65 -15.86 7.77
N ALA A 29 4.21 -16.08 8.96
CA ALA A 29 5.19 -15.14 9.50
C ALA A 29 6.50 -15.23 8.71
N ARG A 30 6.90 -16.43 8.32
CA ARG A 30 8.11 -16.60 7.51
C ARG A 30 7.97 -15.92 6.15
N TYR A 31 6.77 -15.95 5.59
CA TYR A 31 6.54 -15.33 4.29
C TYR A 31 6.79 -13.82 4.33
N MET A 32 6.53 -13.17 5.46
CA MET A 32 6.85 -11.76 5.64
C MET A 32 8.19 -11.56 6.33
N LYS A 33 9.09 -12.52 6.18
CA LYS A 33 10.47 -12.43 6.64
C LYS A 33 10.55 -12.16 8.14
N ASN A 34 9.59 -12.72 8.88
CA ASN A 34 9.54 -12.63 10.34
C ASN A 34 9.65 -11.20 10.85
N HIS A 35 9.09 -10.24 10.10
CA HIS A 35 8.91 -8.91 10.65
C HIS A 35 7.79 -8.84 11.69
N PHE A 36 6.82 -9.76 11.64
CA PHE A 36 5.61 -9.66 12.42
C PHE A 36 5.24 -11.01 13.01
N LEU A 37 4.68 -10.98 14.21
CA LEU A 37 3.88 -12.10 14.69
C LEU A 37 2.59 -12.21 13.88
N PHE A 38 2.11 -13.45 13.75
CA PHE A 38 0.80 -13.73 13.15
C PHE A 38 -0.04 -14.58 14.08
N LEU A 39 -1.37 -14.42 13.98
CA LEU A 39 -2.26 -15.38 14.61
C LEU A 39 -2.49 -16.61 13.76
N GLY A 40 -2.31 -16.49 12.45
CA GLY A 40 -2.56 -17.58 11.54
C GLY A 40 -3.91 -17.60 10.88
N ILE A 41 -4.54 -16.44 10.67
CA ILE A 41 -5.88 -16.37 10.12
C ILE A 41 -5.79 -15.78 8.71
N GLN A 42 -6.13 -16.58 7.69
CA GLN A 42 -6.06 -16.06 6.33
C GLN A 42 -7.24 -15.13 6.00
N THR A 43 -7.16 -14.45 4.84
CA THR A 43 -8.06 -13.34 4.54
C THR A 43 -9.54 -13.69 4.57
N PRO A 44 -10.02 -14.80 3.97
CA PRO A 44 -11.47 -15.05 3.99
C PRO A 44 -12.04 -15.12 5.40
N GLU A 45 -11.44 -15.91 6.28
CA GLU A 45 -11.94 -15.99 7.64
C GLU A 45 -11.70 -14.67 8.39
N ARG A 46 -10.56 -14.01 8.15
CA ARG A 46 -10.30 -12.75 8.84
C ARG A 46 -11.40 -11.73 8.54
N ARG A 47 -11.87 -11.69 7.29
CA ARG A 47 -12.91 -10.74 6.95
C ARG A 47 -14.27 -11.17 7.49
N GLN A 48 -14.50 -12.48 7.63
CA GLN A 48 -15.75 -12.93 8.23
C GLN A 48 -15.78 -12.60 9.71
N LEU A 49 -14.66 -12.83 10.40
CA LEU A 49 -14.59 -12.49 11.81
C LEU A 49 -14.82 -11.00 12.03
N LEU A 50 -14.26 -10.15 11.15
CA LEU A 50 -14.50 -8.71 11.29
C LEU A 50 -15.99 -8.38 11.04
N LYS A 51 -16.58 -8.98 10.01
CA LYS A 51 -18.00 -8.82 9.76
C LYS A 51 -18.83 -9.18 10.99
N ASP A 52 -18.46 -10.26 11.69
CA ASP A 52 -19.19 -10.67 12.89
C ASP A 52 -19.16 -9.55 13.94
N ILE A 53 -18.00 -8.95 14.15
CA ILE A 53 -17.89 -7.92 15.18
C ILE A 53 -18.63 -6.65 14.76
N ILE A 54 -18.60 -6.30 13.47
CA ILE A 54 -19.38 -5.13 13.03
C ILE A 54 -20.87 -5.39 13.21
N GLN A 55 -21.32 -6.61 12.95
CA GLN A 55 -22.75 -6.90 13.09
C GLN A 55 -23.18 -6.74 14.54
N ILE A 56 -22.34 -7.19 15.48
CA ILE A 56 -22.65 -7.14 16.91
C ILE A 56 -22.54 -5.71 17.45
N HIS A 57 -21.42 -5.03 17.18
CA HIS A 57 -21.09 -3.77 17.83
C HIS A 57 -21.35 -2.53 16.98
N THR A 58 -21.59 -2.69 15.67
CA THR A 58 -21.71 -1.59 14.71
C THR A 58 -20.35 -0.97 14.43
N LEU A 59 -20.25 -0.33 13.29
CA LEU A 59 -19.02 0.31 12.88
C LEU A 59 -18.74 1.51 13.80
N PRO A 60 -17.48 1.71 14.23
CA PRO A 60 -17.20 2.82 15.15
C PRO A 60 -17.58 4.16 14.60
N ASP A 61 -17.85 5.10 15.50
CA ASP A 61 -18.13 6.46 15.11
C ASP A 61 -16.95 7.05 14.35
N GLN A 62 -17.25 7.96 13.42
CA GLN A 62 -16.19 8.59 12.64
C GLN A 62 -15.19 9.33 13.52
N LYS A 63 -15.63 9.86 14.65
CA LYS A 63 -14.71 10.61 15.51
C LYS A 63 -13.65 9.70 16.11
N ASP A 64 -13.93 8.41 16.26
CA ASP A 64 -12.95 7.46 16.79
C ASP A 64 -12.12 6.80 15.70
N PHE A 65 -12.37 7.12 14.43
CA PHE A 65 -11.86 6.31 13.33
C PHE A 65 -10.34 6.16 13.39
N GLN A 66 -9.61 7.27 13.45
CA GLN A 66 -8.15 7.18 13.48
C GLN A 66 -7.67 6.50 14.75
N ILE A 67 -8.39 6.69 15.85
CA ILE A 67 -7.96 6.09 17.10
C ILE A 67 -8.09 4.58 17.03
N ILE A 68 -9.18 4.07 16.42
CA ILE A 68 -9.35 2.63 16.25
C ILE A 68 -8.24 2.05 15.40
N ILE A 69 -7.95 2.72 14.27
CA ILE A 69 -6.92 2.22 13.38
C ILE A 69 -5.58 2.20 14.11
N ARG A 70 -5.25 3.28 14.82
CA ARG A 70 -3.98 3.34 15.55
C ARG A 70 -3.90 2.23 16.61
N GLU A 71 -4.99 1.96 17.31
CA GLU A 71 -4.98 0.87 18.30
C GLU A 71 -4.73 -0.48 17.65
N LEU A 72 -5.37 -0.74 16.50
CA LEU A 72 -5.11 -1.97 15.77
C LEU A 72 -3.70 -1.98 15.22
N TRP A 73 -3.20 -0.83 14.80
CA TRP A 73 -1.83 -0.79 14.26
C TRP A 73 -0.81 -1.13 15.34
N ASP A 74 -1.12 -0.82 16.60
CA ASP A 74 -0.19 -1.07 17.69
C ASP A 74 -0.24 -2.50 18.21
N LEU A 75 -1.22 -3.31 17.80
CA LEU A 75 -1.25 -4.69 18.29
C LEU A 75 -0.22 -5.54 17.55
N PRO A 76 0.29 -6.59 18.22
CA PRO A 76 1.47 -7.28 17.66
C PRO A 76 1.20 -8.07 16.39
N GLU A 77 0.07 -8.76 16.30
CA GLU A 77 -0.12 -9.68 15.19
C GLU A 77 -0.57 -8.95 13.92
N ARG A 78 -0.05 -9.42 12.78
CA ARG A 78 -0.22 -8.70 11.53
C ARG A 78 -1.68 -8.66 11.10
N GLU A 79 -2.48 -9.67 11.45
CA GLU A 79 -3.90 -9.64 11.08
C GLU A 79 -4.61 -8.39 11.57
N PHE A 80 -4.14 -7.76 12.66
CA PHE A 80 -4.80 -6.57 13.14
C PHE A 80 -4.55 -5.35 12.25
N GLN A 81 -3.38 -5.25 11.62
CA GLN A 81 -3.19 -4.21 10.62
C GLN A 81 -3.99 -4.50 9.36
N ALA A 82 -4.04 -5.76 8.94
CA ALA A 82 -4.89 -6.10 7.80
C ALA A 82 -6.36 -5.75 8.08
N ALA A 83 -6.85 -6.04 9.28
CA ALA A 83 -8.24 -5.71 9.60
C ALA A 83 -8.45 -4.21 9.68
N ALA A 84 -7.44 -3.48 10.18
CA ALA A 84 -7.50 -2.02 10.21
C ALA A 84 -7.69 -1.46 8.79
N LEU A 85 -6.99 -2.02 7.80
CA LEU A 85 -7.18 -1.57 6.43
C LEU A 85 -8.56 -1.96 5.90
N ASP A 86 -9.07 -3.14 6.28
CA ASP A 86 -10.45 -3.49 5.95
C ASP A 86 -11.44 -2.48 6.56
N ILE A 87 -11.18 -2.03 7.80
CA ILE A 87 -12.07 -1.06 8.42
C ILE A 87 -11.99 0.28 7.71
N MET A 88 -10.78 0.67 7.30
CA MET A 88 -10.61 1.94 6.58
CA MET A 88 -10.61 1.93 6.57
C MET A 88 -11.40 1.94 5.29
N GLN A 89 -11.47 0.80 4.61
CA GLN A 89 -12.30 0.74 3.42
C GLN A 89 -13.75 1.14 3.73
N LYS A 90 -14.26 0.80 4.92
CA LYS A 90 -15.64 1.14 5.26
C LYS A 90 -15.89 2.64 5.36
N TYR A 91 -14.84 3.46 5.45
CA TYR A 91 -14.96 4.90 5.51
C TYR A 91 -14.43 5.57 4.24
N LYS A 92 -14.24 4.78 3.18
CA LYS A 92 -13.48 5.22 2.02
C LYS A 92 -13.97 6.54 1.45
N LYS A 93 -15.27 6.71 1.31
CA LYS A 93 -15.78 7.90 0.65
C LYS A 93 -15.52 9.16 1.45
N HIS A 94 -15.14 9.03 2.72
CA HIS A 94 -14.86 10.18 3.58
C HIS A 94 -13.38 10.51 3.65
N ILE A 95 -12.51 9.65 3.15
CA ILE A 95 -11.09 9.92 3.22
C ILE A 95 -10.78 11.05 2.23
N ASN A 96 -10.05 12.05 2.68
CA ASN A 96 -9.82 13.22 1.87
C ASN A 96 -8.43 13.75 2.16
N GLU A 97 -8.16 14.97 1.67
CA GLU A 97 -6.79 15.49 1.76
C GLU A 97 -6.34 15.68 3.20
N THR A 98 -7.28 15.90 4.13
CA THR A 98 -6.88 16.10 5.51
C THR A 98 -6.33 14.83 6.15
N HIS A 99 -6.50 13.69 5.49
CA HIS A 99 -6.01 12.41 6.01
C HIS A 99 -4.63 12.03 5.47
N ILE A 100 -3.99 12.84 4.62
CA ILE A 100 -2.70 12.42 4.09
C ILE A 100 -1.71 12.21 5.21
N PRO A 101 -1.56 13.10 6.19
CA PRO A 101 -0.57 12.83 7.24
C PRO A 101 -0.86 11.53 7.98
N PHE A 102 -2.14 11.22 8.21
CA PHE A 102 -2.50 9.97 8.85
C PHE A 102 -2.07 8.78 8.01
N LEU A 103 -2.28 8.85 6.69
CA LEU A 103 -1.85 7.77 5.83
C LEU A 103 -0.32 7.67 5.78
N GLU A 104 0.37 8.82 5.81
CA GLU A 104 1.84 8.80 5.89
C GLU A 104 2.32 8.03 7.09
N GLU A 105 1.68 8.27 8.25
CA GLU A 105 2.06 7.61 9.47
C GLU A 105 1.83 6.09 9.37
N LEU A 106 0.73 5.69 8.76
CA LEU A 106 0.50 4.24 8.57
C LEU A 106 1.57 3.64 7.67
N ILE A 107 2.01 4.38 6.65
CA ILE A 107 3.00 3.85 5.71
C ILE A 107 4.33 3.59 6.40
N VAL A 108 4.73 4.47 7.35
CA VAL A 108 6.07 4.40 7.96
C VAL A 108 6.08 3.66 9.30
N THR A 109 4.94 3.09 9.72
CA THR A 109 4.87 2.31 10.95
CA THR A 109 4.84 2.32 10.95
C THR A 109 4.46 0.88 10.61
N LYS A 110 5.15 -0.10 11.22
CA LYS A 110 4.91 -1.51 10.89
C LYS A 110 4.91 -1.72 9.37
N SER A 111 5.93 -1.14 8.72
CA SER A 111 5.98 -1.08 7.26
C SER A 111 6.37 -2.41 6.62
N TRP A 112 5.66 -2.77 5.57
CA TRP A 112 6.05 -3.86 4.70
C TRP A 112 5.18 -3.75 3.45
N TRP A 113 5.43 -4.61 2.48
CA TRP A 113 4.76 -4.42 1.20
C TRP A 113 3.27 -4.69 1.29
N ASP A 114 2.84 -5.56 2.23
CA ASP A 114 1.44 -5.92 2.29
C ASP A 114 0.58 -4.73 2.68
N SER A 115 1.00 -3.95 3.69
CA SER A 115 0.24 -2.78 4.10
C SER A 115 0.42 -1.62 3.10
N VAL A 116 1.63 -1.40 2.66
CA VAL A 116 1.90 -0.24 1.81
C VAL A 116 1.21 -0.40 0.47
N ASP A 117 1.14 -1.62 -0.04
CA ASP A 117 0.55 -1.83 -1.37
C ASP A 117 -0.97 -1.73 -1.33
N SER A 118 -1.55 -1.69 -0.14
CA SER A 118 -2.97 -1.40 0.04
CA SER A 118 -2.97 -1.38 0.02
C SER A 118 -3.20 0.10 0.25
N ILE A 119 -2.44 0.70 1.17
CA ILE A 119 -2.59 2.11 1.50
C ILE A 119 -2.44 2.96 0.26
N VAL A 120 -1.39 2.72 -0.53
CA VAL A 120 -0.93 3.72 -1.47
C VAL A 120 -1.81 3.81 -2.73
N PRO A 121 -1.99 2.73 -3.50
CA PRO A 121 -2.72 2.89 -4.77
C PRO A 121 -4.19 3.22 -4.58
N THR A 122 -4.81 2.74 -3.50
CA THR A 122 -6.24 2.97 -3.26
CA THR A 122 -6.24 2.96 -3.27
C THR A 122 -6.48 4.29 -2.54
N PHE A 123 -6.03 4.38 -1.28
CA PHE A 123 -6.38 5.54 -0.47
C PHE A 123 -5.65 6.80 -0.92
N LEU A 124 -4.32 6.75 -1.08
CA LEU A 124 -3.59 7.93 -1.54
C LEU A 124 -3.89 8.21 -3.01
N GLY A 125 -3.96 7.17 -3.83
CA GLY A 125 -4.24 7.39 -5.24
C GLY A 125 -5.53 8.14 -5.45
N ASP A 126 -6.57 7.80 -4.67
CA ASP A 126 -7.86 8.45 -4.85
C ASP A 126 -7.81 9.91 -4.40
N ILE A 127 -7.04 10.19 -3.34
CA ILE A 127 -6.92 11.57 -2.87
C ILE A 127 -6.25 12.43 -3.92
N PHE A 128 -5.13 11.94 -4.46
CA PHE A 128 -4.38 12.78 -5.39
C PHE A 128 -5.04 12.85 -6.77
N LEU A 129 -5.93 11.92 -7.08
CA LEU A 129 -6.70 12.00 -8.32
C LEU A 129 -7.68 13.17 -8.26
N LYS A 130 -8.25 13.44 -7.08
CA LYS A 130 -9.17 14.54 -6.88
C LYS A 130 -8.45 15.85 -6.56
N HIS A 131 -7.21 15.79 -6.07
CA HIS A 131 -6.46 16.96 -5.64
C HIS A 131 -5.04 16.86 -6.17
N PRO A 132 -4.88 16.86 -7.50
CA PRO A 132 -3.53 16.78 -8.06
C PRO A 132 -2.66 17.97 -7.68
N GLU A 133 -3.25 19.12 -7.32
CA GLU A 133 -2.45 20.26 -6.88
C GLU A 133 -1.71 19.98 -5.58
N LEU A 134 -2.11 18.95 -4.82
CA LEU A 134 -1.38 18.60 -3.59
C LEU A 134 -0.20 17.65 -3.82
N ILE A 135 -0.05 17.08 -5.02
CA ILE A 135 1.04 16.14 -5.24
C ILE A 135 2.38 16.77 -4.90
N SER A 136 2.61 18.00 -5.33
CA SER A 136 3.89 18.63 -5.08
C SER A 136 4.10 19.08 -3.65
N ALA A 137 3.11 18.93 -2.79
CA ALA A 137 3.27 19.17 -1.35
C ALA A 137 3.81 17.93 -0.63
N TYR A 138 3.84 16.79 -1.26
CA TYR A 138 4.25 15.55 -0.61
C TYR A 138 5.29 14.75 -1.40
N ILE A 139 5.10 14.61 -2.71
CA ILE A 139 5.96 13.71 -3.48
C ILE A 139 7.43 14.08 -3.40
N PRO A 140 7.84 15.36 -3.50
CA PRO A 140 9.29 15.64 -3.41
C PRO A 140 9.89 15.23 -2.06
N LYS A 141 9.18 15.46 -0.94
CA LYS A 141 9.64 15.01 0.36
C LYS A 141 9.78 13.50 0.39
N TRP A 142 8.76 12.79 -0.10
CA TRP A 142 8.80 11.33 -0.04
C TRP A 142 9.99 10.75 -0.81
N ILE A 143 10.32 11.35 -1.97
CA ILE A 143 11.42 10.82 -2.77
C ILE A 143 12.73 11.04 -2.05
N ALA A 144 12.88 12.21 -1.42
CA ALA A 144 14.11 12.57 -0.74
C ALA A 144 14.29 11.85 0.59
N SER A 145 13.21 11.31 1.16
CA SER A 145 13.27 10.67 2.45
CA SER A 145 13.23 10.64 2.44
C SER A 145 14.20 9.46 2.42
N ASP A 146 14.69 9.09 3.60
CA ASP A 146 15.45 7.85 3.68
C ASP A 146 14.54 6.65 3.77
N ASN A 147 13.23 6.88 3.81
CA ASN A 147 12.27 5.81 4.02
C ASN A 147 11.85 5.19 2.70
N ILE A 148 12.22 3.92 2.49
CA ILE A 148 11.94 3.31 1.18
C ILE A 148 10.44 3.17 0.94
N TRP A 149 9.63 3.11 1.99
CA TRP A 149 8.19 2.93 1.81
C TRP A 149 7.52 4.23 1.36
N LEU A 150 8.05 5.39 1.78
CA LEU A 150 7.56 6.64 1.20
C LEU A 150 8.03 6.81 -0.24
N GLN A 151 9.26 6.38 -0.55
CA GLN A 151 9.70 6.38 -1.93
C GLN A 151 8.80 5.49 -2.76
N ARG A 152 8.45 4.31 -2.23
CA ARG A 152 7.56 3.44 -2.98
C ARG A 152 6.16 4.06 -3.10
N ALA A 153 5.72 4.82 -2.09
CA ALA A 153 4.45 5.52 -2.19
C ALA A 153 4.46 6.54 -3.34
N ALA A 154 5.56 7.27 -3.51
CA ALA A 154 5.64 8.22 -4.60
C ALA A 154 5.53 7.52 -5.96
N ILE A 155 6.10 6.32 -6.07
CA ILE A 155 6.04 5.58 -7.32
C ILE A 155 4.64 5.04 -7.58
N LEU A 156 4.01 4.45 -6.56
CA LEU A 156 2.83 3.64 -6.80
C LEU A 156 1.50 4.38 -6.64
N PHE A 157 1.48 5.65 -6.23
CA PHE A 157 0.16 6.22 -5.99
C PHE A 157 -0.67 6.36 -7.26
N GLN A 158 -0.03 6.47 -8.44
CA GLN A 158 -0.70 6.55 -9.74
C GLN A 158 -0.92 5.17 -10.38
N LEU A 159 -0.67 4.09 -9.64
CA LEU A 159 -0.63 2.75 -10.22
C LEU A 159 -1.83 2.44 -11.10
N LYS A 160 -3.03 2.72 -10.61
CA LYS A 160 -4.26 2.33 -11.29
C LYS A 160 -4.94 3.51 -11.98
N TYR A 161 -4.19 4.55 -12.33
CA TYR A 161 -4.78 5.74 -12.93
C TYR A 161 -5.18 5.56 -14.40
N LYS A 162 -4.58 4.62 -15.13
CA LYS A 162 -4.97 4.37 -16.53
C LYS A 162 -4.88 5.68 -17.30
N GLN A 163 -5.95 6.15 -17.95
CA GLN A 163 -5.84 7.32 -18.81
C GLN A 163 -5.70 8.62 -18.03
N LYS A 164 -5.82 8.60 -16.70
CA LYS A 164 -5.56 9.77 -15.88
C LYS A 164 -4.10 9.83 -15.42
N MET A 165 -3.26 8.90 -15.85
CA MET A 165 -1.84 8.93 -15.53
C MET A 165 -1.22 10.25 -15.99
N ASP A 166 -0.44 10.87 -15.09
CA ASP A 166 0.37 12.02 -15.46
C ASP A 166 1.73 11.47 -15.90
N GLU A 167 1.92 11.36 -17.22
CA GLU A 167 3.09 10.67 -17.74
C GLU A 167 4.39 11.41 -17.38
N GLU A 168 4.41 12.73 -17.56
CA GLU A 168 5.61 13.49 -17.24
C GLU A 168 6.00 13.30 -15.78
N LEU A 169 5.03 13.38 -14.87
CA LEU A 169 5.29 13.16 -13.44
C LEU A 169 5.80 11.74 -13.17
N LEU A 170 5.14 10.74 -13.73
CA LEU A 170 5.54 9.36 -13.50
C LEU A 170 6.99 9.15 -13.89
N PHE A 171 7.37 9.62 -15.08
CA PHE A 171 8.72 9.39 -15.53
C PHE A 171 9.71 10.22 -14.74
N TRP A 172 9.31 11.39 -14.27
CA TRP A 172 10.20 12.19 -13.45
C TRP A 172 10.48 11.46 -12.13
N ILE A 173 9.42 10.93 -11.51
CA ILE A 173 9.57 10.18 -10.26
C ILE A 173 10.51 8.99 -10.46
N ILE A 174 10.28 8.21 -11.52
CA ILE A 174 11.12 7.05 -11.79
C ILE A 174 12.57 7.49 -11.99
N GLY A 175 12.77 8.56 -12.74
CA GLY A 175 14.12 9.05 -12.97
C GLY A 175 14.85 9.38 -11.68
N GLN A 176 14.13 9.96 -10.72
CA GLN A 176 14.70 10.29 -9.43
C GLN A 176 15.14 9.05 -8.64
N LEU A 177 14.49 7.92 -8.85
CA LEU A 177 14.75 6.73 -8.04
C LEU A 177 15.38 5.58 -8.82
N HIS A 178 15.72 5.77 -10.10
CA HIS A 178 16.16 4.68 -10.94
C HIS A 178 17.49 4.09 -10.50
N SER A 179 18.30 4.82 -9.74
CA SER A 179 19.59 4.31 -9.30
CA SER A 179 19.59 4.31 -9.30
C SER A 179 19.52 3.58 -7.97
N SER A 180 18.34 3.53 -7.34
CA SER A 180 18.21 2.82 -6.08
C SER A 180 18.61 1.35 -6.25
N LYS A 181 19.36 0.85 -5.28
CA LYS A 181 19.70 -0.56 -5.22
C LYS A 181 18.71 -1.36 -4.38
N GLU A 182 17.66 -0.71 -3.87
CA GLU A 182 16.67 -1.37 -3.02
CA GLU A 182 16.67 -1.37 -3.02
C GLU A 182 15.67 -2.15 -3.88
N PHE A 183 15.54 -3.45 -3.58
CA PHE A 183 14.60 -4.30 -4.32
C PHE A 183 13.20 -3.66 -4.38
N PHE A 184 12.68 -3.19 -3.24
CA PHE A 184 11.29 -2.73 -3.25
C PHE A 184 11.09 -1.45 -4.07
N ILE A 185 12.16 -0.70 -4.32
CA ILE A 185 12.08 0.44 -5.22
C ILE A 185 12.20 -0.02 -6.67
N GLN A 186 13.20 -0.85 -6.96
CA GLN A 186 13.35 -1.37 -8.32
C GLN A 186 12.06 -2.07 -8.75
N LYS A 187 11.47 -2.89 -7.87
CA LYS A 187 10.27 -3.65 -8.25
C LYS A 187 9.05 -2.74 -8.38
N ALA A 188 8.95 -1.71 -7.55
CA ALA A 188 7.82 -0.79 -7.69
C ALA A 188 7.86 -0.06 -9.03
N ILE A 189 9.06 0.31 -9.48
CA ILE A 189 9.20 0.92 -10.80
C ILE A 189 8.75 -0.05 -11.88
N GLY A 190 9.19 -1.31 -11.78
CA GLY A 190 8.75 -2.31 -12.74
C GLY A 190 7.23 -2.50 -12.74
N TRP A 191 6.63 -2.59 -11.55
CA TRP A 191 5.17 -2.77 -11.46
C TRP A 191 4.42 -1.60 -12.10
N VAL A 192 4.77 -0.37 -11.74
CA VAL A 192 3.97 0.76 -12.21
C VAL A 192 4.09 0.88 -13.73
N LEU A 193 5.28 0.62 -14.29
CA LEU A 193 5.43 0.65 -15.74
C LEU A 193 4.67 -0.50 -16.40
N ARG A 194 4.71 -1.69 -15.80
CA ARG A 194 3.99 -2.83 -16.37
C ARG A 194 2.50 -2.54 -16.40
N GLU A 195 1.99 -1.98 -15.30
CA GLU A 195 0.57 -1.66 -15.21
C GLU A 195 0.19 -0.57 -16.17
N TYR A 196 1.02 0.49 -16.28
CA TYR A 196 0.67 1.56 -17.21
C TYR A 196 0.76 1.07 -18.65
N ALA A 197 1.63 0.09 -18.92
CA ALA A 197 1.74 -0.46 -20.27
C ALA A 197 0.45 -1.14 -20.71
N LYS A 198 -0.45 -1.47 -19.78
CA LYS A 198 -1.77 -1.98 -20.15
C LYS A 198 -2.64 -0.91 -20.77
N THR A 199 -2.34 0.36 -20.50
CA THR A 199 -3.03 1.50 -21.07
C THR A 199 -2.27 2.11 -22.25
N ASN A 200 -0.96 2.29 -22.15
CA ASN A 200 -0.18 2.92 -23.21
C ASN A 200 1.14 2.18 -23.36
N PRO A 201 1.14 1.05 -24.05
CA PRO A 201 2.39 0.25 -24.10
C PRO A 201 3.50 0.94 -24.87
N ASP A 202 3.18 1.68 -25.92
CA ASP A 202 4.24 2.29 -26.74
C ASP A 202 5.07 3.25 -25.93
N VAL A 203 4.42 4.05 -25.06
CA VAL A 203 5.19 5.03 -24.30
C VAL A 203 6.08 4.34 -23.29
N VAL A 204 5.60 3.24 -22.71
CA VAL A 204 6.40 2.53 -21.72
C VAL A 204 7.60 1.89 -22.40
N TRP A 205 7.37 1.24 -23.55
CA TRP A 205 8.44 0.62 -24.30
C TRP A 205 9.52 1.62 -24.65
N GLU A 206 9.13 2.77 -25.20
CA GLU A 206 10.13 3.77 -25.58
C GLU A 206 10.86 4.29 -24.35
N TYR A 207 10.14 4.46 -23.23
CA TYR A 207 10.80 4.95 -22.02
C TYR A 207 11.89 3.99 -21.56
N VAL A 208 11.57 2.70 -21.47
CA VAL A 208 12.55 1.73 -20.97
C VAL A 208 13.67 1.48 -21.98
N GLN A 209 13.43 1.73 -23.27
CA GLN A 209 14.49 1.52 -24.26
C GLN A 209 15.42 2.72 -24.37
N ASN A 210 15.10 3.82 -23.69
CA ASN A 210 15.83 5.07 -23.88
C ASN A 210 16.24 5.76 -22.59
N ASN A 211 15.95 5.16 -21.43
CA ASN A 211 16.31 5.74 -20.14
C ASN A 211 16.86 4.63 -19.27
N GLU A 212 17.82 4.98 -18.41
CA GLU A 212 18.45 3.97 -17.55
C GLU A 212 17.49 3.47 -16.49
N LEU A 213 17.51 2.15 -16.30
CA LEU A 213 16.75 1.48 -15.25
C LEU A 213 17.56 0.29 -14.75
N ALA A 214 17.36 -0.06 -13.50
CA ALA A 214 17.88 -1.31 -12.97
C ALA A 214 17.37 -2.46 -13.85
N PRO A 215 18.19 -3.51 -14.07
CA PRO A 215 17.72 -4.65 -14.87
C PRO A 215 16.39 -5.23 -14.40
N LEU A 216 16.20 -5.37 -13.08
CA LEU A 216 14.94 -5.90 -12.56
C LEU A 216 13.78 -5.02 -12.98
N SER A 217 13.97 -3.68 -12.93
CA SER A 217 12.88 -2.77 -13.25
C SER A 217 12.51 -2.87 -14.72
N LYS A 218 13.52 -2.89 -15.59
CA LYS A 218 13.25 -3.01 -17.02
C LYS A 218 12.55 -4.32 -17.34
N ARG A 219 13.07 -5.44 -16.82
CA ARG A 219 12.51 -6.76 -17.10
C ARG A 219 11.06 -6.84 -16.66
N GLU A 220 10.78 -6.39 -15.43
CA GLU A 220 9.43 -6.49 -14.93
C GLU A 220 8.49 -5.59 -15.71
N ALA A 221 8.98 -4.44 -16.20
CA ALA A 221 8.12 -3.51 -16.92
C ALA A 221 7.60 -4.10 -18.22
N ILE A 222 8.44 -4.82 -18.97
CA ILE A 222 8.12 -5.22 -20.34
C ILE A 222 7.76 -6.69 -20.48
N LYS A 223 7.68 -7.45 -19.38
CA LYS A 223 7.56 -8.90 -19.52
C LYS A 223 6.27 -9.33 -20.24
N HIS A 224 5.22 -8.52 -20.24
CA HIS A 224 3.99 -8.85 -20.96
C HIS A 224 3.82 -8.12 -22.29
N ILE A 225 4.65 -7.14 -22.62
CA ILE A 225 4.54 -6.45 -23.91
C ILE A 225 5.72 -6.71 -24.84
N LYS A 226 6.84 -7.23 -24.35
CA LYS A 226 8.03 -7.30 -25.19
C LYS A 226 7.79 -8.12 -26.45
N GLN A 227 6.81 -9.01 -26.45
CA GLN A 227 6.58 -9.85 -27.63
C GLN A 227 5.96 -9.07 -28.78
N ASN A 228 5.52 -7.84 -28.54
CA ASN A 228 4.88 -7.01 -29.55
C ASN A 228 5.82 -6.02 -30.20
N TYR A 229 7.11 -6.04 -29.85
CA TYR A 229 8.09 -5.06 -30.33
C TYR A 229 9.34 -5.78 -30.79
N GLY A 230 9.93 -5.29 -31.88
CA GLY A 230 11.12 -5.87 -32.45
C GLY A 230 10.79 -6.81 -33.60
C1 ORP B 6 2.05 -7.61 -3.92
O1 ORP B 6 1.43 -6.54 -3.21
C2 ORP B 6 3.55 -7.72 -3.53
C3 ORP B 6 4.29 -7.34 -4.83
O3 ORP B 6 5.35 -6.39 -4.57
C4 ORP B 6 3.20 -6.56 -5.61
O4 ORP B 6 1.97 -7.28 -5.31
C5 ORP B 6 3.46 -6.45 -7.12
O5 ORP B 6 3.54 -7.79 -7.62
P ORP B 6 3.63 -7.90 -9.18
O1P ORP B 6 4.54 -6.91 -9.81
O2P ORP B 6 3.90 -9.42 -9.55
H1 ORP B 6 1.53 -8.55 -3.72
HO1 ORP B 6 1.04 -6.92 -2.42
H21 ORP B 6 3.80 -7.01 -2.74
H22 ORP B 6 3.81 -8.74 -3.24
H3 ORP B 6 4.64 -8.22 -5.37
H4 ORP B 6 3.13 -5.55 -5.20
H51 ORP B 6 4.40 -5.92 -7.31
H52 ORP B 6 2.64 -5.93 -7.61
N1 YTA D . 1.51 -14.84 -5.29
C2 YTA D . 1.34 -14.22 -4.13
N3 YTA D . 1.57 -12.89 -3.91
C3M YTA D . 1.32 -12.25 -2.60
C4 YTA D . 2.04 -12.19 -4.98
C5 YTA D . 2.23 -12.82 -6.24
C6 YTA D . 1.97 -14.18 -6.38
N6 YTA D . 2.11 -14.88 -7.51
N7 YTA D . 2.70 -11.89 -7.10
C8 YTA D . 2.74 -10.77 -6.36
N9 YTA D . 2.36 -10.89 -5.04
C01 YTA D . -2.77 -7.06 -6.68
N01 YTA D . -1.75 -6.59 -3.30
O01 YTA D . -3.26 -3.44 -6.80
C02 YTA D . -2.49 -4.83 -4.92
O02 YTA D . -3.48 -5.52 -8.35
C03 YTA D . -3.06 -5.78 -7.09
C04 YTA D . -2.31 -7.25 -5.35
C05 YTA D . -2.18 -6.13 -4.50
C06 YTA D . -2.92 -4.67 -6.20
C07 YTA D . -1.61 -7.98 -3.34
C08 YTA D . -1.95 -8.41 -4.62
C09 YTA D . -1.19 -8.53 -2.04
C33 YTA D . -3.12 -2.29 -5.89
O03 YTA D . -1.25 -7.79 -1.02
N02 YTA D . -0.86 -9.87 -1.90
C10 YTA D . -0.89 -10.85 -3.01
C11 YTA D . -0.74 -10.54 -0.65
C12 YTA D . -0.87 -10.05 0.67
C13 YTA D . -0.40 -11.87 -0.89
C14 YTA D . -0.24 -12.12 -2.38
C15 YTA D . -0.72 -10.91 1.74
C16 YTA D . -0.38 -12.26 1.51
C17 YTA D . -0.23 -12.74 0.17
C18 YTA D . 0.13 -14.44 1.64
C19 YTA D . 0.09 -14.14 0.28
C20 YTA D . 0.35 -15.66 2.43
N03 YTA D . -0.15 -13.31 2.38
O YTA D . -0.83 -10.50 3.06
O04 YTA D . -0.01 -15.64 3.60
N04 YTA D . 0.88 -16.75 1.78
O05 YTA D . 2.76 -24.60 2.84
C21 YTA D . 1.55 -16.80 0.45
C22 YTA D . 2.58 -17.93 0.64
C23 YTA D . 0.84 -18.11 2.27
C24 YTA D . 1.83 -18.83 1.61
C25 YTA D . 2.00 -20.20 1.88
C26 YTA D . -0.02 -18.70 3.22
C27 YTA D . 0.13 -20.07 3.48
C28 YTA D . 1.12 -20.79 2.83
C29 YTA D . 2.87 -21.22 1.39
C30 YTA D . 2.52 -22.37 2.07
C31 YTA D . 3.00 -23.74 2.00
C32 YTA D . 3.10 -25.63 -0.16
N YTA D . 1.46 -22.11 2.93
O47 YTA D . -1.00 -18.02 3.87
O48 YTA D . -0.75 -20.68 4.44
C49 YTA D . -0.10 -20.76 5.76
S YTA D . 3.92 -24.04 0.42
H21 YTA D . 0.96 -14.77 -3.28
H3M2 YTA D . 1.76 -12.89 -1.83
H3M1 YTA D . 1.79 -11.27 -2.59
H63 YTA D . 2.47 -14.42 -8.33
H62 YTA D . 1.91 -15.88 -7.52
H82 YTA D . 3.07 -9.82 -6.75
H012 YTA D . -2.89 -7.88 -7.37
H013 YTA D . -1.56 -6.09 -2.44
H021 YTA D . -2.38 -3.99 -4.25
H023 YTA D . -4.35 -6.00 -8.47
H081 YTA D . -1.96 -9.41 -5.01
H331 YTA D . -3.51 -1.39 -6.38
H333 YTA D . -2.06 -2.13 -5.66
H332 YTA D . -3.67 -2.48 -4.97
H101 YTA D . -0.29 -10.50 -3.86
H102 YTA D . -1.92 -11.03 -3.31
H121 YTA D . -1.12 -9.01 0.80
H141 YTA D . -0.73 -13.04 -2.71
H191 YTA D . 0.29 -14.82 -0.53
H033 YTA D . -0.20 -13.31 3.39
HO1 YTA D . -1.75 -10.16 3.24
H211 YTA D . 2.01 -15.83 0.21
H212 YTA D . 0.83 -17.07 -0.33
H221 YTA D . 3.51 -17.56 1.09
H222 YTA D . 2.80 -18.44 -0.30
H292 YTA D . 3.66 -21.13 0.66
H321 YTA D . 3.01 -25.61 -1.25
H323 YTA D . 2.11 -25.71 0.29
H322 YTA D . 3.71 -26.48 0.15
HN1 YTA D . 1.03 -22.82 3.52
H471 YTA D . -0.54 -17.44 4.53
H492 YTA D . -0.09 -21.81 6.09
H493 YTA D . -0.68 -20.17 6.49
H491 YTA D . 0.92 -20.38 5.70
#